data_1TLW
#
_entry.id   1TLW
#
_cell.length_a   149.653
_cell.length_b   149.653
_cell.length_c   119.939
_cell.angle_alpha   90.00
_cell.angle_beta   90.00
_cell.angle_gamma   120.00
#
_symmetry.space_group_name_H-M   'P 32 2 1'
#
loop_
_entity.id
_entity.type
_entity.pdbx_description
1 polymer 'Nucleoside-specific channel-forming protein tsx'
2 non-polymer THYMIDINE
#
_entity_poly.entity_id   1
_entity_poly.type   'polypeptide(L)'
_entity_poly.pdbx_seq_one_letter_code
;AENDKPQYLSDWWHQSVNVVGSYHTRFGPQIRNDTYLEYEAFAKKDWFDFYGYADAPVFFGGNSDAKGIWNHGSPLFMEI
EPRFSIDKLTNTDLSFGPFKEWYFANNYIYDMGRNKDGRQSTWYMGLGTDIDTGLPMSLSMNVYAKYQWQNYGAANENEW
DGYRFKIKYFVPITDLWGGQLSYIGFTNFDWGSDLGDDSGNAINGIKTRTNNSIASSHILALNYDHWHYSVVARYWHDGG
QWNDDAELNFGNGNFNVRSTGWGGYLVVGYNFHHHHHH
;
_entity_poly.pdbx_strand_id   A,B
#
loop_
_chem_comp.id
_chem_comp.type
_chem_comp.name
_chem_comp.formula
THM DNA OH 5 prime terminus THYMIDINE 'C10 H14 N2 O5'
#
# COMPACT_ATOMS: atom_id res chain seq x y z
N LEU A 9 26.47 17.19 -5.82
CA LEU A 9 27.11 17.25 -4.47
C LEU A 9 26.40 16.38 -3.44
N SER A 10 27.19 15.78 -2.55
CA SER A 10 26.70 14.90 -1.50
C SER A 10 25.45 15.42 -0.77
N ASP A 11 25.37 16.74 -0.62
CA ASP A 11 24.26 17.37 0.07
C ASP A 11 22.89 16.85 -0.38
N TRP A 12 22.64 16.92 -1.68
CA TRP A 12 21.37 16.51 -2.27
C TRP A 12 21.49 15.42 -3.34
N TRP A 13 22.46 15.56 -4.23
CA TRP A 13 22.69 14.63 -5.34
C TRP A 13 23.40 13.34 -4.90
N HIS A 14 22.67 12.22 -4.91
CA HIS A 14 23.21 10.93 -4.51
C HIS A 14 23.50 10.01 -5.68
N GLN A 15 24.69 9.41 -5.69
CA GLN A 15 25.06 8.50 -6.76
C GLN A 15 25.41 7.11 -6.25
N SER A 16 25.36 6.15 -7.17
CA SER A 16 25.65 4.77 -6.86
C SER A 16 25.86 3.95 -8.13
N VAL A 17 26.84 3.05 -8.10
CA VAL A 17 27.09 2.17 -9.24
C VAL A 17 26.74 0.80 -8.72
N ASN A 18 25.99 0.03 -9.50
CA ASN A 18 25.57 -1.29 -9.06
C ASN A 18 25.73 -2.40 -10.07
N VAL A 19 25.76 -3.63 -9.57
CA VAL A 19 25.80 -4.79 -10.43
C VAL A 19 24.43 -5.41 -10.16
N VAL A 20 23.67 -5.71 -11.21
CA VAL A 20 22.35 -6.25 -10.97
C VAL A 20 22.20 -7.57 -11.67
N GLY A 21 21.57 -8.52 -10.99
CA GLY A 21 21.34 -9.82 -11.58
C GLY A 21 19.83 -9.95 -11.62
N SER A 22 19.28 -10.27 -12.78
CA SER A 22 17.84 -10.39 -12.89
C SER A 22 17.42 -11.80 -13.23
N TYR A 23 16.23 -12.18 -12.79
CA TYR A 23 15.72 -13.52 -13.03
C TYR A 23 14.23 -13.49 -13.41
N HIS A 24 13.90 -14.05 -14.57
CA HIS A 24 12.52 -14.10 -15.00
C HIS A 24 11.88 -12.72 -15.20
N THR A 25 12.61 -11.83 -15.87
CA THR A 25 12.15 -10.49 -16.21
C THR A 25 11.01 -10.63 -17.22
N ARG A 26 10.03 -9.74 -17.19
CA ARG A 26 8.92 -9.87 -18.14
C ARG A 26 8.48 -8.68 -19.00
N PHE A 27 9.39 -7.78 -19.33
CA PHE A 27 9.05 -6.64 -20.20
C PHE A 27 9.04 -7.01 -21.69
N GLY A 28 9.56 -8.17 -22.06
CA GLY A 28 9.58 -8.58 -23.46
C GLY A 28 8.83 -9.88 -23.77
N PRO A 29 8.66 -10.26 -25.04
CA PRO A 29 7.97 -11.46 -25.51
C PRO A 29 8.48 -12.73 -24.84
N GLN A 30 9.80 -12.82 -24.73
CA GLN A 30 10.45 -13.98 -24.13
C GLN A 30 10.97 -13.64 -22.75
N ILE A 31 10.97 -14.65 -21.87
CA ILE A 31 11.47 -14.47 -20.51
C ILE A 31 12.96 -14.23 -20.54
N ARG A 32 13.46 -13.41 -19.61
CA ARG A 32 14.87 -13.09 -19.60
C ARG A 32 15.50 -13.03 -18.22
N ASN A 33 16.79 -13.30 -18.19
CA ASN A 33 17.60 -13.28 -16.96
C ASN A 33 18.88 -12.65 -17.43
N ASP A 34 19.23 -11.48 -16.91
CA ASP A 34 20.47 -10.85 -17.34
C ASP A 34 21.25 -10.37 -16.15
N THR A 35 22.42 -9.78 -16.41
CA THR A 35 23.25 -9.23 -15.35
C THR A 35 23.83 -7.97 -15.97
N TYR A 36 24.05 -6.95 -15.17
CA TYR A 36 24.59 -5.75 -15.76
C TYR A 36 25.00 -4.65 -14.79
N LEU A 37 25.72 -3.67 -15.32
CA LEU A 37 26.18 -2.53 -14.53
C LEU A 37 25.05 -1.52 -14.52
N GLU A 38 24.91 -0.80 -13.42
CA GLU A 38 23.85 0.16 -13.35
C GLU A 38 24.35 1.39 -12.68
N TYR A 39 23.86 2.52 -13.14
CA TYR A 39 24.21 3.80 -12.56
C TYR A 39 22.90 4.38 -12.05
N GLU A 40 22.83 4.61 -10.73
CA GLU A 40 21.65 5.16 -10.08
C GLU A 40 21.92 6.57 -9.57
N ALA A 41 20.87 7.36 -9.41
CA ALA A 41 20.97 8.72 -8.90
C ALA A 41 19.62 9.21 -8.37
N PHE A 42 19.65 9.76 -7.16
CA PHE A 42 18.47 10.31 -6.50
C PHE A 42 18.80 11.75 -6.19
N ALA A 43 17.80 12.61 -6.02
CA ALA A 43 18.06 14.01 -5.71
C ALA A 43 16.81 14.72 -5.23
N LYS A 44 17.00 15.71 -4.35
CA LYS A 44 15.89 16.49 -3.79
C LYS A 44 16.43 17.86 -3.39
N LYS A 45 16.07 18.88 -4.16
CA LYS A 45 16.51 20.25 -3.91
C LYS A 45 15.31 21.19 -4.08
N ASP A 46 14.77 21.62 -2.95
CA ASP A 46 13.59 22.49 -2.86
C ASP A 46 12.55 22.48 -3.99
N TRP A 47 12.90 22.80 -5.23
CA TRP A 47 11.89 22.79 -6.29
C TRP A 47 11.96 21.61 -7.25
N PHE A 48 12.91 20.71 -7.01
CA PHE A 48 13.09 19.59 -7.92
C PHE A 48 13.59 18.30 -7.27
N ASP A 49 12.88 17.20 -7.48
CA ASP A 49 13.35 15.94 -6.94
C ASP A 49 13.56 15.03 -8.14
N PHE A 50 14.37 14.00 -7.99
CA PHE A 50 14.69 13.16 -9.13
C PHE A 50 15.18 11.77 -8.78
N TYR A 51 14.83 10.81 -9.61
CA TYR A 51 15.30 9.46 -9.45
C TYR A 51 15.51 8.91 -10.83
N GLY A 52 16.59 8.18 -11.06
CA GLY A 52 16.79 7.62 -12.38
C GLY A 52 17.90 6.61 -12.40
N TYR A 53 17.97 5.83 -13.46
CA TYR A 53 19.02 4.83 -13.58
C TYR A 53 19.33 4.47 -15.01
N ALA A 54 20.55 3.98 -15.22
CA ALA A 54 21.02 3.55 -16.53
C ALA A 54 21.63 2.15 -16.38
N ASP A 55 21.23 1.23 -17.26
CA ASP A 55 21.74 -0.13 -17.24
C ASP A 55 22.59 -0.39 -18.49
N ALA A 56 23.60 -1.23 -18.32
CA ALA A 56 24.50 -1.59 -19.40
C ALA A 56 24.98 -3.00 -19.08
N PRO A 57 25.11 -3.86 -20.09
CA PRO A 57 25.55 -5.25 -19.99
C PRO A 57 26.96 -5.56 -19.48
N VAL A 58 27.12 -6.82 -19.07
CA VAL A 58 28.36 -7.42 -18.57
C VAL A 58 29.59 -6.71 -19.13
N PRO A 75 22.87 -2.68 -24.70
CA PRO A 75 23.76 -1.58 -25.11
C PRO A 75 23.67 -0.44 -24.08
N LEU A 76 22.47 0.11 -23.91
CA LEU A 76 22.21 1.17 -22.95
C LEU A 76 20.72 1.36 -22.75
N PHE A 77 20.28 1.29 -21.49
CA PHE A 77 18.88 1.47 -21.13
C PHE A 77 18.84 2.42 -19.94
N MET A 78 17.96 3.41 -19.99
CA MET A 78 17.84 4.33 -18.87
C MET A 78 16.39 4.73 -18.64
N GLU A 79 16.07 5.02 -17.39
CA GLU A 79 14.75 5.44 -16.99
C GLU A 79 14.98 6.53 -15.97
N ILE A 80 14.47 7.74 -16.26
CA ILE A 80 14.63 8.86 -15.35
C ILE A 80 13.27 9.29 -14.92
N GLU A 81 13.18 9.81 -13.70
CA GLU A 81 11.94 10.26 -13.13
C GLU A 81 12.12 11.66 -12.56
N PRO A 82 12.09 12.69 -13.41
CA PRO A 82 12.26 14.03 -12.85
C PRO A 82 10.91 14.71 -12.58
N ARG A 83 10.80 15.37 -11.43
CA ARG A 83 9.59 16.08 -11.07
C ARG A 83 9.91 17.49 -10.60
N PHE A 84 9.09 18.44 -10.99
CA PHE A 84 9.29 19.83 -10.61
C PHE A 84 8.12 20.29 -9.75
N SER A 85 8.46 20.97 -8.66
CA SER A 85 7.48 21.46 -7.70
C SER A 85 6.64 22.63 -8.20
N ILE A 86 5.34 22.41 -8.31
CA ILE A 86 4.46 23.47 -8.77
C ILE A 86 4.31 24.47 -7.64
N ASP A 87 4.60 24.04 -6.41
CA ASP A 87 4.51 24.94 -5.26
C ASP A 87 5.68 25.91 -5.32
N LYS A 88 6.88 25.40 -5.08
CA LYS A 88 8.07 26.24 -5.10
C LYS A 88 8.12 27.13 -6.31
N LEU A 89 7.85 26.58 -7.49
CA LEU A 89 7.91 27.38 -8.70
C LEU A 89 6.79 28.41 -8.83
N THR A 90 5.56 28.04 -8.45
CA THR A 90 4.41 28.95 -8.51
C THR A 90 4.34 29.76 -7.22
N ASN A 91 5.29 29.52 -6.33
CA ASN A 91 5.37 30.20 -5.05
C ASN A 91 3.99 30.32 -4.38
N THR A 92 3.22 29.24 -4.47
CA THR A 92 1.89 29.18 -3.89
C THR A 92 1.72 27.87 -3.13
N ASP A 93 1.25 27.96 -1.89
CA ASP A 93 1.06 26.76 -1.07
C ASP A 93 -0.15 25.96 -1.53
N LEU A 94 0.07 25.02 -2.45
CA LEU A 94 -1.01 24.19 -2.97
C LEU A 94 -1.37 23.07 -2.00
N SER A 95 -0.70 23.06 -0.85
CA SER A 95 -0.96 22.05 0.17
C SER A 95 -2.47 21.92 0.46
N PHE A 96 -2.94 20.70 0.63
CA PHE A 96 -4.35 20.46 0.88
C PHE A 96 -4.58 19.03 1.35
N GLY A 97 -5.17 18.86 2.52
CA GLY A 97 -5.43 17.53 3.04
C GLY A 97 -4.12 16.81 3.26
N PRO A 98 -4.03 15.51 2.88
CA PRO A 98 -2.79 14.75 3.05
C PRO A 98 -1.81 15.10 1.94
N PHE A 99 -2.27 15.90 0.98
CA PHE A 99 -1.43 16.31 -0.13
C PHE A 99 -0.49 17.44 0.21
N LYS A 100 0.74 17.09 0.58
CA LYS A 100 1.78 18.04 0.97
C LYS A 100 2.27 18.98 -0.12
N GLU A 101 2.44 18.43 -1.32
CA GLU A 101 2.95 19.22 -2.45
C GLU A 101 2.37 18.70 -3.76
N TRP A 102 2.67 19.41 -4.85
CA TRP A 102 2.22 19.00 -6.17
C TRP A 102 3.36 19.21 -7.15
N TYR A 103 3.52 18.26 -8.07
CA TYR A 103 4.60 18.31 -9.04
C TYR A 103 4.20 18.11 -10.49
N PHE A 104 5.02 18.66 -11.37
CA PHE A 104 4.87 18.43 -12.80
C PHE A 104 5.73 17.17 -12.85
N ALA A 105 5.10 16.02 -13.00
CA ALA A 105 5.83 14.77 -13.00
C ALA A 105 6.19 14.16 -14.37
N ASN A 106 7.39 13.57 -14.44
CA ASN A 106 7.89 12.93 -15.66
C ASN A 106 8.52 11.57 -15.43
N ASN A 107 8.26 10.66 -16.36
CA ASN A 107 8.80 9.31 -16.33
C ASN A 107 9.22 9.06 -17.79
N TYR A 108 10.53 9.13 -18.04
CA TYR A 108 11.04 8.95 -19.39
C TYR A 108 11.86 7.69 -19.49
N ILE A 109 11.48 6.80 -20.41
CA ILE A 109 12.18 5.55 -20.60
C ILE A 109 12.84 5.53 -21.95
N TYR A 110 14.11 5.15 -21.97
CA TYR A 110 14.88 5.09 -23.20
C TYR A 110 15.70 3.82 -23.28
N ASP A 111 15.64 3.18 -24.43
CA ASP A 111 16.36 1.95 -24.67
C ASP A 111 17.01 2.12 -26.03
N MET A 112 18.34 2.19 -26.04
CA MET A 112 19.08 2.41 -27.29
C MET A 112 18.95 1.30 -28.31
N GLY A 113 18.94 0.05 -27.86
CA GLY A 113 18.84 -1.06 -28.81
C GLY A 113 20.01 -1.19 -29.77
N ARG A 114 20.01 -2.25 -30.58
CA ARG A 114 21.09 -2.50 -31.54
C ARG A 114 20.78 -1.94 -32.93
N ASN A 115 19.51 -1.65 -33.18
CA ASN A 115 19.07 -1.10 -34.44
C ASN A 115 18.01 -0.08 -34.10
N LYS A 116 17.66 0.79 -35.04
CA LYS A 116 16.63 1.77 -34.76
C LYS A 116 15.37 0.94 -34.54
N ASP A 117 15.46 -0.32 -34.91
CA ASP A 117 14.33 -1.23 -34.76
C ASP A 117 14.09 -1.67 -33.32
N GLY A 118 15.15 -2.03 -32.61
CA GLY A 118 14.99 -2.44 -31.22
C GLY A 118 15.21 -1.26 -30.29
N ARG A 119 14.60 -0.12 -30.61
CA ARG A 119 14.73 1.11 -29.82
C ARG A 119 13.41 1.58 -29.19
N GLN A 120 13.51 2.27 -28.05
CA GLN A 120 12.34 2.79 -27.36
C GLN A 120 12.60 4.15 -26.74
N SER A 121 11.68 5.08 -26.97
CA SER A 121 11.76 6.41 -26.37
C SER A 121 10.36 6.70 -25.89
N THR A 122 10.13 6.61 -24.58
CA THR A 122 8.81 6.82 -24.04
C THR A 122 8.76 7.96 -23.05
N TRP A 123 7.78 8.84 -23.22
CA TRP A 123 7.65 9.98 -22.33
C TRP A 123 6.30 10.15 -21.63
N TYR A 124 6.29 9.85 -20.34
CA TYR A 124 5.10 10.01 -19.51
C TYR A 124 5.24 11.36 -18.83
N MET A 125 4.18 12.15 -18.85
CA MET A 125 4.20 13.49 -18.24
C MET A 125 2.85 13.68 -17.59
N GLY A 126 2.84 14.36 -16.45
CA GLY A 126 1.58 14.56 -15.78
C GLY A 126 1.65 15.26 -14.44
N LEU A 127 0.73 14.90 -13.57
CA LEU A 127 0.61 15.50 -12.25
C LEU A 127 1.01 14.51 -11.16
N GLY A 128 1.87 14.96 -10.26
CA GLY A 128 2.29 14.08 -9.18
C GLY A 128 2.24 14.77 -7.82
N THR A 129 2.19 13.97 -6.75
CA THR A 129 2.12 14.54 -5.41
C THR A 129 2.81 13.70 -4.35
N ASP A 130 2.90 14.26 -3.16
CA ASP A 130 3.48 13.60 -1.99
C ASP A 130 2.39 13.52 -0.93
N ILE A 131 2.20 12.35 -0.33
CA ILE A 131 1.19 12.19 0.69
C ILE A 131 1.76 12.05 2.08
N ASP A 132 1.05 12.61 3.06
CA ASP A 132 1.44 12.51 4.46
C ASP A 132 0.49 11.52 5.14
N THR A 133 0.97 10.29 5.35
CA THR A 133 0.15 9.25 5.95
C THR A 133 0.16 9.29 7.45
N GLY A 134 0.85 10.28 8.02
CA GLY A 134 0.94 10.36 9.47
C GLY A 134 1.76 9.20 9.98
N LEU A 135 2.08 8.28 9.07
CA LEU A 135 2.88 7.11 9.41
C LEU A 135 4.34 7.44 9.09
N PRO A 136 5.28 6.66 9.62
CA PRO A 136 6.71 6.89 9.39
C PRO A 136 7.18 6.26 8.06
N MET A 137 6.66 6.81 6.97
CA MET A 137 6.98 6.33 5.62
C MET A 137 6.81 7.50 4.70
N SER A 138 7.15 7.29 3.43
CA SER A 138 7.00 8.31 2.40
C SER A 138 6.10 7.69 1.35
N LEU A 139 5.22 8.48 0.76
CA LEU A 139 4.29 7.95 -0.23
C LEU A 139 4.01 8.96 -1.32
N SER A 140 4.17 8.55 -2.58
CA SER A 140 3.93 9.45 -3.70
C SER A 140 3.01 8.83 -4.74
N MET A 141 2.25 9.69 -5.42
CA MET A 141 1.34 9.25 -6.46
C MET A 141 1.52 10.18 -7.65
N ASN A 142 1.41 9.63 -8.85
CA ASN A 142 1.56 10.41 -10.08
C ASN A 142 0.69 9.85 -11.19
N VAL A 143 0.09 10.72 -11.99
CA VAL A 143 -0.72 10.27 -13.12
C VAL A 143 -0.07 10.89 -14.31
N TYR A 144 0.08 10.10 -15.37
CA TYR A 144 0.70 10.64 -16.56
C TYR A 144 -0.06 10.33 -17.84
N ALA A 145 0.20 11.17 -18.83
CA ALA A 145 -0.34 11.00 -20.16
C ALA A 145 1.00 10.72 -20.87
N LYS A 146 1.00 10.03 -22.00
CA LYS A 146 2.31 9.82 -22.62
C LYS A 146 2.34 9.92 -24.11
N TYR A 147 3.49 10.33 -24.61
CA TYR A 147 3.73 10.40 -26.02
C TYR A 147 4.74 9.27 -26.29
N GLN A 148 4.46 8.48 -27.32
CA GLN A 148 5.31 7.37 -27.69
C GLN A 148 6.12 7.64 -28.94
N TRP A 149 7.44 7.54 -28.85
CA TRP A 149 8.31 7.73 -30.00
C TRP A 149 8.65 6.33 -30.49
N GLN A 150 9.92 5.95 -30.51
CA GLN A 150 10.22 4.59 -30.96
C GLN A 150 9.73 3.61 -29.90
N ASN A 151 9.33 2.42 -30.33
CA ASN A 151 8.87 1.40 -29.41
C ASN A 151 9.04 0.05 -30.11
N TYR A 152 10.28 -0.30 -30.42
CA TYR A 152 10.59 -1.56 -31.08
C TYR A 152 9.70 -1.80 -32.31
N GLY A 153 9.42 -0.72 -33.05
CA GLY A 153 8.62 -0.85 -34.24
C GLY A 153 7.23 -1.40 -34.02
N ALA A 154 6.63 -1.14 -32.85
CA ALA A 154 5.28 -1.60 -32.60
C ALA A 154 4.28 -0.58 -33.14
N ALA A 155 3.01 -0.98 -33.18
CA ALA A 155 1.94 -0.16 -33.73
C ALA A 155 1.71 1.20 -33.09
N ASN A 156 2.06 1.33 -31.82
CA ASN A 156 1.83 2.60 -31.14
C ASN A 156 2.99 3.58 -31.23
N GLU A 157 3.86 3.42 -32.23
CA GLU A 157 4.99 4.35 -32.34
C GLU A 157 4.51 5.71 -32.83
N ASN A 158 5.22 6.75 -32.40
CA ASN A 158 4.92 8.13 -32.74
C ASN A 158 3.47 8.54 -32.66
N GLU A 159 3.00 8.78 -31.44
CA GLU A 159 1.63 9.18 -31.20
C GLU A 159 1.40 9.29 -29.70
N TRP A 160 0.31 9.94 -29.32
CA TRP A 160 -0.03 10.04 -27.91
C TRP A 160 -0.74 8.72 -27.63
N ASP A 161 -0.16 7.92 -26.75
CA ASP A 161 -0.74 6.63 -26.42
C ASP A 161 -0.71 6.26 -24.95
N GLY A 162 -1.87 5.91 -24.41
CA GLY A 162 -1.96 5.48 -23.03
C GLY A 162 -1.61 6.43 -21.90
N TYR A 163 -2.00 6.00 -20.70
CA TYR A 163 -1.75 6.76 -19.49
C TYR A 163 -1.11 5.85 -18.47
N ARG A 164 -0.54 6.47 -17.45
CA ARG A 164 0.10 5.72 -16.38
C ARG A 164 -0.08 6.33 -15.00
N PHE A 165 -0.37 5.47 -14.04
CA PHE A 165 -0.50 5.90 -12.66
C PHE A 165 0.66 5.24 -11.92
N LYS A 166 1.46 6.05 -11.24
CA LYS A 166 2.60 5.51 -10.51
C LYS A 166 2.43 5.79 -9.02
N ILE A 167 2.58 4.76 -8.21
CA ILE A 167 2.49 4.93 -6.80
C ILE A 167 3.77 4.36 -6.23
N LYS A 168 4.47 5.13 -5.41
CA LYS A 168 5.67 4.61 -4.81
C LYS A 168 5.79 5.02 -3.37
N TYR A 169 6.37 4.14 -2.56
CA TYR A 169 6.52 4.42 -1.15
C TYR A 169 7.83 3.92 -0.55
N PHE A 170 8.30 4.62 0.46
CA PHE A 170 9.55 4.29 1.11
C PHE A 170 9.29 4.05 2.59
N VAL A 171 9.75 2.93 3.12
CA VAL A 171 9.48 2.61 4.52
C VAL A 171 10.66 2.14 5.32
N PRO A 172 11.26 3.03 6.11
CA PRO A 172 12.41 2.65 6.94
C PRO A 172 11.97 1.54 7.88
N ILE A 173 12.79 0.51 8.03
CA ILE A 173 12.40 -0.59 8.93
C ILE A 173 13.19 -0.60 10.25
N THR A 174 14.45 -1.03 10.21
CA THR A 174 15.28 -1.06 11.42
C THR A 174 16.74 -1.11 11.03
N ASP A 175 17.57 -1.40 12.04
CA ASP A 175 19.00 -1.55 11.83
C ASP A 175 19.21 -3.05 11.92
N LEU A 176 19.62 -3.63 10.80
CA LEU A 176 19.87 -5.06 10.76
C LEU A 176 21.32 -5.29 10.33
N TRP A 177 22.05 -6.08 11.10
CA TRP A 177 23.44 -6.37 10.80
C TRP A 177 24.37 -5.17 10.63
N GLY A 178 24.21 -4.14 11.46
CA GLY A 178 25.09 -2.99 11.35
C GLY A 178 24.71 -2.01 10.26
N GLY A 179 23.81 -2.44 9.39
CA GLY A 179 23.34 -1.55 8.34
C GLY A 179 21.90 -1.17 8.63
N GLN A 180 21.28 -0.47 7.71
CA GLN A 180 19.90 -0.08 7.88
C GLN A 180 19.03 -0.80 6.86
N LEU A 181 18.04 -1.54 7.35
CA LEU A 181 17.13 -2.25 6.46
C LEU A 181 15.96 -1.35 6.14
N SER A 182 15.51 -1.38 4.89
CA SER A 182 14.36 -0.57 4.50
C SER A 182 13.56 -1.26 3.43
N TYR A 183 12.36 -0.75 3.17
CA TYR A 183 11.49 -1.33 2.16
C TYR A 183 11.06 -0.28 1.18
N ILE A 184 11.22 -0.59 -0.10
CA ILE A 184 10.80 0.35 -1.13
C ILE A 184 9.85 -0.39 -2.03
N GLY A 185 8.72 0.24 -2.30
CA GLY A 185 7.75 -0.36 -3.17
C GLY A 185 7.19 0.68 -4.12
N PHE A 186 6.95 0.27 -5.35
CA PHE A 186 6.36 1.15 -6.34
C PHE A 186 5.69 0.31 -7.40
N THR A 187 4.61 0.84 -7.98
CA THR A 187 3.90 0.12 -9.00
C THR A 187 3.49 1.06 -10.11
N ASN A 188 3.62 0.58 -11.33
CA ASN A 188 3.28 1.34 -12.52
C ASN A 188 2.06 0.72 -13.19
N PHE A 189 0.94 1.44 -13.19
CA PHE A 189 -0.30 0.99 -13.83
C PHE A 189 -0.46 1.70 -15.15
N ASP A 190 -0.57 0.93 -16.24
CA ASP A 190 -0.74 1.52 -17.55
C ASP A 190 -2.06 1.04 -18.15
N TRP A 191 -2.79 1.96 -18.75
CA TRP A 191 -4.07 1.60 -19.33
C TRP A 191 -4.42 2.59 -20.45
N GLY A 192 -5.43 2.24 -21.24
CA GLY A 192 -5.84 3.14 -22.30
C GLY A 192 -4.94 3.22 -23.52
N SER A 193 -3.97 2.31 -23.63
CA SER A 193 -3.09 2.30 -24.79
C SER A 193 -3.90 1.79 -25.97
N ASP A 194 -3.44 2.04 -27.18
CA ASP A 194 -4.18 1.56 -28.34
C ASP A 194 -3.55 0.33 -28.96
N LEU A 195 -2.40 -0.12 -28.43
CA LEU A 195 -1.74 -1.35 -28.91
C LEU A 195 -2.70 -2.49 -28.60
N GLY A 196 -2.36 -3.70 -28.97
CA GLY A 196 -3.29 -4.77 -28.66
C GLY A 196 -4.47 -4.69 -29.61
N ASP A 197 -5.10 -3.51 -29.69
CA ASP A 197 -6.20 -3.31 -30.63
C ASP A 197 -5.56 -3.28 -32.02
N ASP A 198 -4.53 -2.45 -32.15
CA ASP A 198 -3.80 -2.26 -33.40
C ASP A 198 -2.76 -3.29 -33.76
N SER A 199 -2.47 -4.22 -32.87
CA SER A 199 -1.50 -5.25 -33.19
C SER A 199 -2.31 -6.40 -33.76
N GLY A 200 -1.68 -7.50 -34.10
CA GLY A 200 -2.47 -8.58 -34.67
C GLY A 200 -2.95 -9.58 -33.66
N ASN A 201 -3.10 -10.83 -34.09
CA ASN A 201 -3.51 -11.89 -33.19
C ASN A 201 -2.40 -12.90 -33.22
N ALA A 202 -2.38 -13.79 -32.24
CA ALA A 202 -1.35 -14.80 -32.19
C ALA A 202 -1.87 -16.08 -32.81
N ILE A 203 -1.01 -17.08 -32.89
CA ILE A 203 -1.39 -18.38 -33.42
C ILE A 203 -2.55 -18.85 -32.53
N ASN A 204 -2.44 -18.47 -31.27
CA ASN A 204 -3.37 -18.76 -30.20
C ASN A 204 -4.82 -18.35 -30.49
N GLY A 205 -4.99 -17.33 -31.31
CA GLY A 205 -6.32 -16.84 -31.58
C GLY A 205 -6.58 -15.60 -30.75
N ILE A 206 -5.75 -15.38 -29.73
CA ILE A 206 -5.89 -14.22 -28.86
C ILE A 206 -4.97 -13.10 -29.34
N LYS A 207 -5.37 -11.85 -29.08
CA LYS A 207 -4.55 -10.74 -29.50
C LYS A 207 -3.14 -10.87 -28.95
N THR A 208 -2.16 -10.37 -29.70
CA THR A 208 -0.77 -10.47 -29.27
C THR A 208 -0.41 -9.45 -28.23
N ARG A 209 -0.79 -8.19 -28.46
CA ARG A 209 -0.45 -7.14 -27.49
C ARG A 209 -1.58 -6.74 -26.54
N THR A 210 -1.28 -5.81 -25.66
CA THR A 210 -2.26 -5.41 -24.67
C THR A 210 -2.39 -3.91 -24.48
N ASN A 211 -3.63 -3.49 -24.24
CA ASN A 211 -3.98 -2.10 -24.03
C ASN A 211 -3.53 -1.55 -22.69
N ASN A 212 -3.28 -2.46 -21.76
CA ASN A 212 -2.86 -2.10 -20.42
C ASN A 212 -1.72 -2.98 -19.92
N SER A 213 -1.25 -2.72 -18.71
CA SER A 213 -0.16 -3.50 -18.15
C SER A 213 0.17 -3.01 -16.76
N ILE A 214 0.68 -3.91 -15.93
CA ILE A 214 1.07 -3.56 -14.57
C ILE A 214 2.42 -4.17 -14.25
N ALA A 215 3.24 -3.39 -13.57
CA ALA A 215 4.56 -3.86 -13.14
C ALA A 215 4.67 -3.33 -11.73
N SER A 216 4.68 -4.25 -10.77
CA SER A 216 4.75 -3.90 -9.36
C SER A 216 6.06 -4.40 -8.76
N SER A 217 6.78 -3.50 -8.10
CA SER A 217 8.05 -3.86 -7.51
C SER A 217 8.02 -3.84 -6.00
N HIS A 218 8.79 -4.72 -5.39
CA HIS A 218 8.92 -4.80 -3.93
C HIS A 218 10.39 -4.99 -3.64
N ILE A 219 10.94 -4.03 -2.91
CA ILE A 219 12.37 -4.04 -2.60
C ILE A 219 12.69 -4.02 -1.11
N LEU A 220 13.59 -4.90 -0.73
CA LEU A 220 14.06 -5.00 0.65
C LEU A 220 15.52 -4.60 0.52
N ALA A 221 15.89 -3.43 1.04
CA ALA A 221 17.27 -2.96 0.89
C ALA A 221 18.07 -2.76 2.18
N LEU A 222 19.32 -3.24 2.16
CA LEU A 222 20.25 -3.11 3.29
C LEU A 222 21.31 -2.06 2.95
N ASN A 223 21.42 -1.01 3.77
CA ASN A 223 22.37 0.07 3.49
C ASN A 223 23.42 0.36 4.55
N TYR A 224 24.68 0.41 4.12
CA TYR A 224 25.77 0.74 5.02
C TYR A 224 26.26 2.09 4.51
N ASP A 225 27.31 2.64 5.13
CA ASP A 225 27.83 3.92 4.71
C ASP A 225 27.98 4.04 3.19
N HIS A 226 28.39 2.97 2.51
CA HIS A 226 28.57 3.03 1.06
C HIS A 226 27.99 1.84 0.32
N TRP A 227 28.25 0.64 0.82
CA TRP A 227 27.73 -0.53 0.12
C TRP A 227 26.31 -0.85 0.54
N HIS A 228 25.56 -1.40 -0.41
CA HIS A 228 24.19 -1.78 -0.15
C HIS A 228 23.83 -3.02 -0.95
N TYR A 229 22.90 -3.79 -0.43
CA TYR A 229 22.45 -5.02 -1.06
C TYR A 229 20.93 -4.95 -1.08
N SER A 230 20.31 -5.29 -2.19
CA SER A 230 18.85 -5.23 -2.29
C SER A 230 18.22 -6.44 -2.94
N VAL A 231 17.14 -6.95 -2.37
CA VAL A 231 16.47 -8.06 -3.02
C VAL A 231 15.21 -7.46 -3.63
N VAL A 232 14.95 -7.78 -4.90
CA VAL A 232 13.78 -7.22 -5.55
C VAL A 232 12.82 -8.23 -6.16
N ALA A 233 11.58 -8.20 -5.68
CA ALA A 233 10.53 -9.07 -6.18
C ALA A 233 9.70 -8.20 -7.11
N ARG A 234 9.44 -8.68 -8.31
CA ARG A 234 8.66 -7.88 -9.24
C ARG A 234 7.66 -8.71 -9.97
N TYR A 235 6.44 -8.18 -10.00
CA TYR A 235 5.29 -8.81 -10.63
C TYR A 235 4.75 -8.03 -11.83
N TRP A 236 4.51 -8.74 -12.92
CA TRP A 236 3.99 -8.13 -14.14
C TRP A 236 2.64 -8.76 -14.45
N HIS A 237 1.77 -7.99 -15.06
CA HIS A 237 0.47 -8.47 -15.51
C HIS A 237 0.48 -7.98 -16.95
N ASP A 238 0.78 -8.89 -17.87
CA ASP A 238 0.89 -8.51 -19.26
C ASP A 238 2.12 -7.59 -19.38
N GLY A 239 3.26 -8.10 -18.97
CA GLY A 239 4.48 -7.32 -19.01
C GLY A 239 4.75 -6.70 -20.36
N GLY A 240 5.22 -5.45 -20.35
CA GLY A 240 5.51 -4.77 -21.58
C GLY A 240 4.36 -4.83 -22.56
N GLN A 241 3.15 -4.92 -22.02
CA GLN A 241 1.94 -4.97 -22.82
C GLN A 241 1.92 -6.18 -23.76
N TRP A 242 2.54 -7.28 -23.34
CA TRP A 242 2.51 -8.48 -24.13
C TRP A 242 1.39 -9.29 -23.52
N ASN A 243 0.37 -9.59 -24.31
CA ASN A 243 -0.75 -10.35 -23.80
C ASN A 243 -0.35 -11.76 -23.37
N ASP A 244 -0.40 -11.99 -22.08
CA ASP A 244 -0.04 -13.27 -21.48
C ASP A 244 -0.66 -14.48 -22.19
N ASP A 245 0.20 -15.43 -22.52
CA ASP A 245 -0.16 -16.67 -23.18
C ASP A 245 -0.23 -16.60 -24.69
N ALA A 246 -0.10 -15.39 -25.25
CA ALA A 246 -0.15 -15.26 -26.70
C ALA A 246 0.83 -16.27 -27.27
N GLU A 247 0.39 -17.02 -28.27
CA GLU A 247 1.25 -18.02 -28.91
C GLU A 247 1.89 -17.44 -30.15
N LEU A 248 3.21 -17.39 -30.14
CA LEU A 248 3.99 -16.85 -31.23
C LEU A 248 5.04 -17.83 -31.74
N ASN A 249 5.70 -17.45 -32.82
CA ASN A 249 6.77 -18.26 -33.40
C ASN A 249 7.77 -17.36 -34.13
N PHE A 250 8.91 -17.11 -33.50
CA PHE A 250 9.92 -16.26 -34.09
C PHE A 250 10.90 -17.02 -34.98
N GLY A 251 10.59 -18.28 -35.29
CA GLY A 251 11.48 -19.04 -36.12
C GLY A 251 12.22 -20.16 -35.42
N ASN A 252 11.73 -20.60 -34.28
CA ASN A 252 12.37 -21.69 -33.55
C ASN A 252 11.27 -22.57 -33.06
N GLY A 253 10.08 -22.34 -33.60
CA GLY A 253 8.93 -23.12 -33.20
C GLY A 253 8.00 -22.28 -32.37
N ASN A 254 6.82 -22.80 -32.10
CA ASN A 254 5.85 -22.08 -31.32
C ASN A 254 6.26 -22.02 -29.86
N PHE A 255 5.86 -20.93 -29.21
CA PHE A 255 6.10 -20.74 -27.80
C PHE A 255 5.00 -19.82 -27.31
N ASN A 256 4.71 -19.86 -26.01
CA ASN A 256 3.66 -19.01 -25.44
C ASN A 256 4.30 -17.90 -24.61
N VAL A 257 3.77 -16.70 -24.70
CA VAL A 257 4.30 -15.59 -23.93
C VAL A 257 3.92 -15.72 -22.46
N ARG A 258 4.89 -15.53 -21.59
CA ARG A 258 4.62 -15.64 -20.16
C ARG A 258 4.82 -14.26 -19.55
N SER A 259 3.92 -13.34 -19.91
CA SER A 259 4.01 -11.97 -19.46
C SER A 259 3.39 -11.65 -18.12
N THR A 260 2.71 -12.61 -17.51
CA THR A 260 2.12 -12.38 -16.19
C THR A 260 2.76 -13.35 -15.22
N GLY A 261 3.37 -12.80 -14.17
CA GLY A 261 4.03 -13.64 -13.19
C GLY A 261 5.12 -12.89 -12.46
N TRP A 262 5.89 -13.60 -11.62
CA TRP A 262 6.98 -12.98 -10.86
C TRP A 262 8.34 -13.19 -11.47
N GLY A 263 9.25 -12.33 -11.04
CA GLY A 263 10.63 -12.33 -11.45
C GLY A 263 11.32 -11.51 -10.38
N GLY A 264 12.65 -11.54 -10.33
CA GLY A 264 13.30 -10.76 -9.30
C GLY A 264 14.67 -10.29 -9.70
N TYR A 265 15.25 -9.47 -8.83
CA TYR A 265 16.56 -8.92 -9.04
C TYR A 265 17.39 -8.98 -7.76
N LEU A 266 18.70 -9.16 -7.91
CA LEU A 266 19.62 -9.14 -6.79
C LEU A 266 20.46 -7.92 -7.13
N VAL A 267 20.66 -7.03 -6.16
CA VAL A 267 21.41 -5.81 -6.42
C VAL A 267 22.51 -5.48 -5.43
N VAL A 268 23.74 -5.33 -5.97
CA VAL A 268 24.87 -4.97 -5.13
C VAL A 268 25.48 -3.73 -5.74
N GLY A 269 25.58 -2.66 -4.96
CA GLY A 269 26.14 -1.43 -5.48
C GLY A 269 26.91 -0.64 -4.45
N TYR A 270 27.44 0.51 -4.87
CA TYR A 270 28.22 1.35 -3.96
C TYR A 270 27.79 2.82 -4.06
N ASN A 271 27.40 3.41 -2.95
CA ASN A 271 26.99 4.82 -2.93
C ASN A 271 28.19 5.71 -2.68
N PHE A 272 28.31 6.78 -3.45
CA PHE A 272 29.42 7.71 -3.30
C PHE A 272 29.03 8.94 -2.50
N HIS A 273 30.02 9.55 -1.85
CA HIS A 273 29.87 10.79 -1.08
C HIS A 273 31.10 11.06 -0.21
N HIS A 274 31.62 12.29 -0.30
CA HIS A 274 32.78 12.67 0.49
C HIS A 274 32.36 12.68 1.96
N HIS A 275 33.34 12.71 2.86
CA HIS A 275 33.03 12.70 4.29
C HIS A 275 32.86 14.12 4.87
N LEU B 9 -27.27 -20.75 5.36
CA LEU B 9 -26.44 -20.96 4.14
C LEU B 9 -24.98 -20.61 4.45
N SER B 10 -24.06 -21.38 3.88
CA SER B 10 -22.63 -21.16 4.08
C SER B 10 -22.00 -20.54 2.83
N ASP B 11 -22.84 -20.02 1.94
CA ASP B 11 -22.39 -19.38 0.70
C ASP B 11 -22.11 -17.90 0.95
N TRP B 12 -22.29 -17.47 2.20
CA TRP B 12 -22.07 -16.07 2.54
C TRP B 12 -21.65 -15.82 3.98
N TRP B 13 -22.49 -16.23 4.93
CA TRP B 13 -22.22 -16.03 6.36
C TRP B 13 -21.18 -16.99 6.92
N HIS B 14 -19.97 -16.47 7.16
CA HIS B 14 -18.88 -17.26 7.69
C HIS B 14 -18.65 -16.96 9.17
N GLN B 15 -18.44 -18.01 9.97
CA GLN B 15 -18.21 -17.83 11.40
C GLN B 15 -16.92 -18.45 11.86
N SER B 16 -16.44 -18.00 13.00
CA SER B 16 -15.22 -18.53 13.57
C SER B 16 -15.03 -18.07 15.02
N VAL B 17 -14.54 -18.98 15.85
CA VAL B 17 -14.28 -18.69 17.25
C VAL B 17 -12.76 -18.78 17.40
N ASN B 18 -12.16 -17.78 18.02
CA ASN B 18 -10.72 -17.79 18.17
C ASN B 18 -10.23 -17.46 19.56
N VAL B 19 -8.98 -17.82 19.80
CA VAL B 19 -8.30 -17.54 21.05
C VAL B 19 -7.19 -16.59 20.61
N VAL B 20 -7.21 -15.37 21.13
CA VAL B 20 -6.20 -14.40 20.74
C VAL B 20 -5.24 -14.04 21.86
N GLY B 21 -3.97 -13.87 21.50
CA GLY B 21 -2.97 -13.50 22.46
C GLY B 21 -2.35 -12.22 21.94
N SER B 22 -2.46 -11.13 22.71
CA SER B 22 -1.91 -9.84 22.29
C SER B 22 -0.67 -9.46 23.08
N TYR B 23 0.19 -8.68 22.45
CA TYR B 23 1.43 -8.22 23.07
C TYR B 23 1.73 -6.77 22.70
N HIS B 24 1.84 -5.92 23.70
CA HIS B 24 2.12 -4.51 23.48
C HIS B 24 1.05 -3.72 22.73
N THR B 25 -0.20 -3.91 23.14
CA THR B 25 -1.35 -3.24 22.57
C THR B 25 -1.27 -1.77 22.93
N ARG B 26 -1.74 -0.87 22.08
CA ARG B 26 -1.66 0.56 22.39
C ARG B 26 -2.91 1.43 22.26
N PHE B 27 -4.10 0.87 22.47
CA PHE B 27 -5.34 1.66 22.42
C PHE B 27 -5.57 2.43 23.71
N GLY B 28 -4.86 2.06 24.78
CA GLY B 28 -5.03 2.73 26.06
C GLY B 28 -3.78 3.44 26.58
N PRO B 29 -3.89 4.19 27.70
CA PRO B 29 -2.80 4.94 28.33
C PRO B 29 -1.59 4.09 28.63
N GLN B 30 -1.84 2.91 29.18
CA GLN B 30 -0.78 1.99 29.52
C GLN B 30 -0.73 0.86 28.52
N ILE B 31 0.45 0.30 28.34
CA ILE B 31 0.63 -0.80 27.40
C ILE B 31 -0.07 -2.03 27.93
N ARG B 32 -0.53 -2.90 27.05
CA ARG B 32 -1.20 -4.10 27.51
C ARG B 32 -0.87 -5.35 26.72
N ASN B 33 -1.10 -6.50 27.37
CA ASN B 33 -0.90 -7.82 26.80
C ASN B 33 -2.04 -8.63 27.39
N ASP B 34 -2.93 -9.14 26.56
CA ASP B 34 -4.03 -9.92 27.09
C ASP B 34 -4.19 -11.19 26.30
N THR B 35 -5.21 -11.95 26.63
CA THR B 35 -5.51 -13.19 25.93
C THR B 35 -7.01 -13.26 26.04
N TYR B 36 -7.67 -13.77 25.00
CA TYR B 36 -9.11 -13.83 25.06
C TYR B 36 -9.79 -14.62 23.95
N LEU B 37 -11.08 -14.84 24.13
CA LEU B 37 -11.89 -15.57 23.15
C LEU B 37 -12.44 -14.54 22.21
N GLU B 38 -12.60 -14.92 20.96
CA GLU B 38 -13.11 -13.99 19.97
C GLU B 38 -14.08 -14.67 19.04
N TYR B 39 -15.11 -13.92 18.66
CA TYR B 39 -16.09 -14.42 17.73
C TYR B 39 -16.00 -13.54 16.48
N GLU B 40 -15.65 -14.17 15.36
CA GLU B 40 -15.51 -13.46 14.07
C GLU B 40 -16.62 -13.83 13.10
N ALA B 41 -16.94 -12.88 12.22
CA ALA B 41 -17.98 -13.09 11.22
C ALA B 41 -17.79 -12.20 9.98
N PHE B 42 -17.80 -12.84 8.81
CA PHE B 42 -17.66 -12.15 7.53
C PHE B 42 -18.89 -12.51 6.70
N ALA B 43 -19.30 -11.60 5.81
CA ALA B 43 -20.47 -11.86 4.98
C ALA B 43 -20.50 -11.00 3.72
N LYS B 44 -21.00 -11.60 2.63
CA LYS B 44 -21.10 -10.92 1.33
C LYS B 44 -22.33 -11.45 0.58
N LYS B 45 -23.40 -10.65 0.56
CA LYS B 45 -24.65 -11.01 -0.11
C LYS B 45 -25.12 -9.83 -0.96
N ASP B 46 -24.92 -9.97 -2.27
CA ASP B 46 -25.25 -8.96 -3.28
C ASP B 46 -25.36 -7.48 -2.88
N TRP B 47 -26.22 -7.12 -1.93
CA TRP B 47 -26.32 -5.71 -1.55
C TRP B 47 -25.66 -5.37 -0.23
N PHE B 48 -25.14 -6.38 0.47
CA PHE B 48 -24.55 -6.15 1.79
C PHE B 48 -23.37 -7.05 2.11
N ASP B 49 -22.27 -6.44 2.57
CA ASP B 49 -21.11 -7.20 2.98
C ASP B 49 -20.88 -6.82 4.43
N PHE B 50 -20.22 -7.69 5.18
CA PHE B 50 -20.03 -7.42 6.58
C PHE B 50 -18.86 -8.14 7.24
N TYR B 51 -18.20 -7.44 8.15
CA TYR B 51 -17.11 -8.01 8.93
C TYR B 51 -17.26 -7.46 10.33
N GLY B 52 -17.00 -8.32 11.31
CA GLY B 52 -17.12 -7.89 12.69
C GLY B 52 -16.59 -8.93 13.63
N TYR B 53 -16.30 -8.50 14.87
CA TYR B 53 -15.80 -9.41 15.87
C TYR B 53 -16.14 -8.98 17.29
N ALA B 54 -16.11 -9.95 18.20
CA ALA B 54 -16.39 -9.71 19.61
C ALA B 54 -15.33 -10.40 20.45
N ASP B 55 -14.75 -9.67 21.40
CA ASP B 55 -13.72 -10.20 22.28
C ASP B 55 -14.22 -10.28 23.72
N ALA B 56 -13.78 -11.34 24.41
CA ALA B 56 -14.15 -11.57 25.80
C ALA B 56 -12.97 -12.24 26.47
N PRO B 57 -12.69 -11.90 27.73
CA PRO B 57 -11.57 -12.46 28.50
C PRO B 57 -11.74 -13.96 28.76
N VAL B 58 -10.63 -14.66 28.99
CA VAL B 58 -10.70 -16.10 29.25
C VAL B 58 -11.30 -16.39 30.62
N PRO B 75 -18.44 -7.73 30.14
CA PRO B 75 -17.05 -8.15 29.96
C PRO B 75 -16.66 -8.46 28.51
N LEU B 76 -17.30 -7.77 27.56
CA LEU B 76 -17.02 -7.98 26.14
C LEU B 76 -16.75 -6.70 25.33
N PHE B 77 -16.25 -6.89 24.11
CA PHE B 77 -15.94 -5.81 23.19
C PHE B 77 -16.26 -6.29 21.78
N MET B 78 -16.89 -5.44 20.97
CA MET B 78 -17.19 -5.84 19.60
C MET B 78 -17.04 -4.69 18.62
N GLU B 79 -16.62 -5.04 17.40
CA GLU B 79 -16.44 -4.07 16.34
C GLU B 79 -17.09 -4.68 15.10
N ILE B 80 -18.05 -3.97 14.52
CA ILE B 80 -18.72 -4.47 13.33
C ILE B 80 -18.53 -3.49 12.17
N GLU B 81 -18.38 -4.04 10.97
CA GLU B 81 -18.18 -3.25 9.76
C GLU B 81 -19.23 -3.65 8.72
N PRO B 82 -20.45 -3.11 8.83
CA PRO B 82 -21.46 -3.47 7.84
C PRO B 82 -21.55 -2.39 6.77
N ARG B 83 -21.59 -2.83 5.51
CA ARG B 83 -21.69 -1.91 4.37
C ARG B 83 -22.82 -2.32 3.46
N PHE B 84 -23.53 -1.33 2.93
CA PHE B 84 -24.64 -1.58 2.03
C PHE B 84 -24.38 -0.98 0.65
N SER B 85 -24.51 -1.83 -0.36
CA SER B 85 -24.28 -1.45 -1.75
C SER B 85 -25.24 -0.40 -2.30
N ILE B 86 -24.72 0.79 -2.58
CA ILE B 86 -25.53 1.86 -3.13
C ILE B 86 -25.89 1.49 -4.56
N ASP B 87 -25.13 0.57 -5.15
CA ASP B 87 -25.39 0.11 -6.50
C ASP B 87 -26.63 -0.77 -6.50
N LYS B 88 -26.48 -1.97 -5.96
CA LYS B 88 -27.58 -2.93 -5.88
C LYS B 88 -28.88 -2.33 -5.38
N LEU B 89 -28.80 -1.47 -4.37
CA LEU B 89 -30.01 -0.86 -3.82
C LEU B 89 -30.58 0.25 -4.72
N THR B 90 -29.73 1.11 -5.27
CA THR B 90 -30.19 2.19 -6.15
C THR B 90 -30.34 1.67 -7.58
N ASN B 91 -30.07 0.38 -7.74
CA ASN B 91 -30.16 -0.30 -9.03
C ASN B 91 -29.58 0.56 -10.17
N THR B 92 -28.45 1.20 -9.88
CA THR B 92 -27.76 2.05 -10.85
C THR B 92 -26.26 1.69 -10.84
N ASP B 93 -25.67 1.51 -12.02
CA ASP B 93 -24.25 1.18 -12.11
C ASP B 93 -23.37 2.41 -11.87
N LEU B 94 -22.98 2.61 -10.61
CA LEU B 94 -22.15 3.75 -10.24
C LEU B 94 -20.69 3.52 -10.58
N SER B 95 -20.40 2.33 -11.10
CA SER B 95 -19.05 1.95 -11.51
C SER B 95 -18.41 3.09 -12.30
N PHE B 96 -17.14 3.34 -12.02
CA PHE B 96 -16.40 4.41 -12.68
C PHE B 96 -14.91 4.26 -12.40
N GLY B 97 -14.10 4.18 -13.46
CA GLY B 97 -12.68 4.03 -13.26
C GLY B 97 -12.36 2.75 -12.51
N PRO B 98 -11.42 2.77 -11.56
CA PRO B 98 -11.08 1.58 -10.80
C PRO B 98 -12.13 1.28 -9.73
N PHE B 99 -13.06 2.22 -9.56
CA PHE B 99 -14.12 2.09 -8.57
C PHE B 99 -15.26 1.19 -9.03
N LYS B 100 -15.16 -0.09 -8.65
CA LYS B 100 -16.13 -1.12 -9.02
C LYS B 100 -17.52 -0.90 -8.45
N GLU B 101 -17.59 -0.44 -7.21
CA GLU B 101 -18.87 -0.25 -6.54
C GLU B 101 -18.80 0.91 -5.55
N TRP B 102 -19.92 1.17 -4.88
CA TRP B 102 -19.99 2.22 -3.88
C TRP B 102 -20.90 1.75 -2.77
N TYR B 103 -20.51 2.03 -1.53
CA TYR B 103 -21.29 1.59 -0.37
C TYR B 103 -21.58 2.66 0.69
N PHE B 104 -22.60 2.37 1.49
CA PHE B 104 -22.96 3.20 2.63
C PHE B 104 -22.15 2.42 3.65
N ALA B 105 -21.02 2.98 4.07
CA ALA B 105 -20.15 2.24 5.00
C ALA B 105 -20.31 2.59 6.46
N ASN B 106 -20.17 1.57 7.30
CA ASN B 106 -20.29 1.74 8.74
C ASN B 106 -19.22 0.97 9.51
N ASN B 107 -18.76 1.60 10.59
CA ASN B 107 -17.76 1.02 11.47
C ASN B 107 -18.27 1.37 12.86
N TYR B 108 -18.84 0.38 13.54
CA TYR B 108 -19.37 0.59 14.87
C TYR B 108 -18.56 -0.16 15.91
N ILE B 109 -18.06 0.57 16.89
CA ILE B 109 -17.26 -0.01 17.96
C ILE B 109 -18.00 0.10 19.28
N TYR B 110 -18.06 -1.02 20.00
CA TYR B 110 -18.74 -1.08 21.28
C TYR B 110 -17.88 -1.82 22.31
N ASP B 111 -17.70 -1.19 23.46
CA ASP B 111 -16.90 -1.77 24.54
C ASP B 111 -17.65 -1.70 25.86
N MET B 112 -18.12 -2.85 26.34
CA MET B 112 -18.86 -2.92 27.60
C MET B 112 -18.00 -3.49 28.73
N GLY B 113 -17.10 -4.40 28.34
CA GLY B 113 -16.23 -5.06 29.29
C GLY B 113 -15.51 -4.22 30.33
N ARG B 114 -14.43 -4.81 30.85
CA ARG B 114 -13.62 -4.19 31.88
C ARG B 114 -12.67 -3.08 31.40
N ASN B 115 -13.09 -1.82 31.54
CA ASN B 115 -12.24 -0.70 31.14
C ASN B 115 -12.36 0.46 32.13
N LYS B 116 -11.56 0.37 33.19
CA LYS B 116 -11.48 1.34 34.28
C LYS B 116 -12.78 2.07 34.63
N ASP B 117 -13.02 3.20 33.97
CA ASP B 117 -14.19 4.01 34.24
C ASP B 117 -15.31 4.03 33.20
N GLY B 118 -15.70 2.86 32.70
CA GLY B 118 -16.80 2.87 31.74
C GLY B 118 -16.75 2.06 30.45
N ARG B 119 -17.64 2.43 29.55
CA ARG B 119 -17.77 1.76 28.26
C ARG B 119 -17.65 2.76 27.11
N GLN B 120 -17.52 2.23 25.90
CA GLN B 120 -17.39 3.04 24.71
C GLN B 120 -18.41 2.61 23.66
N SER B 121 -19.00 3.60 22.99
CA SER B 121 -19.97 3.35 21.92
C SER B 121 -19.65 4.35 20.83
N THR B 122 -18.89 3.90 19.83
CA THR B 122 -18.50 4.77 18.73
C THR B 122 -19.12 4.37 17.41
N TRP B 123 -19.63 5.36 16.69
CA TRP B 123 -20.27 5.08 15.41
C TRP B 123 -19.75 5.88 14.21
N TYR B 124 -18.99 5.20 13.37
CA TYR B 124 -18.43 5.79 12.15
C TYR B 124 -19.38 5.41 11.02
N MET B 125 -19.83 6.41 10.27
CA MET B 125 -20.74 6.18 9.16
C MET B 125 -20.29 7.02 7.98
N GLY B 126 -20.43 6.47 6.77
CA GLY B 126 -20.02 7.22 5.60
C GLY B 126 -20.06 6.48 4.26
N LEU B 127 -19.19 6.96 3.37
CA LEU B 127 -19.09 6.43 2.02
C LEU B 127 -17.89 5.49 1.81
N GLY B 128 -18.15 4.28 1.34
CA GLY B 128 -17.07 3.32 1.11
C GLY B 128 -17.11 2.74 -0.28
N THR B 129 -16.02 2.14 -0.73
CA THR B 129 -15.97 1.58 -2.09
C THR B 129 -15.02 0.39 -2.25
N ASP B 130 -15.11 -0.25 -3.41
CA ASP B 130 -14.24 -1.38 -3.73
C ASP B 130 -13.42 -0.97 -4.94
N ILE B 131 -12.12 -1.26 -4.92
CA ILE B 131 -11.25 -0.90 -6.04
C ILE B 131 -10.73 -2.11 -6.80
N ASP B 132 -10.66 -1.96 -8.11
CA ASP B 132 -10.15 -3.02 -8.98
C ASP B 132 -8.75 -2.60 -9.41
N THR B 133 -7.75 -3.20 -8.80
CA THR B 133 -6.36 -2.88 -9.11
C THR B 133 -5.83 -3.67 -10.29
N GLY B 134 -6.65 -4.46 -10.92
CA GLY B 134 -6.16 -5.23 -12.04
C GLY B 134 -5.17 -6.26 -11.52
N LEU B 135 -4.91 -6.20 -10.22
CA LEU B 135 -4.02 -7.15 -9.57
C LEU B 135 -4.86 -8.22 -8.89
N PRO B 136 -4.23 -9.33 -8.48
CA PRO B 136 -4.96 -10.41 -7.81
C PRO B 136 -5.06 -10.14 -6.31
N MET B 137 -5.83 -9.13 -5.95
CA MET B 137 -6.01 -8.75 -4.56
C MET B 137 -7.34 -8.01 -4.46
N SER B 138 -7.78 -7.74 -3.24
CA SER B 138 -9.02 -7.02 -3.02
C SER B 138 -8.60 -5.75 -2.32
N LEU B 139 -9.26 -4.64 -2.62
CA LEU B 139 -8.88 -3.36 -2.02
C LEU B 139 -10.10 -2.49 -1.82
N SER B 140 -10.32 -2.05 -0.58
CA SER B 140 -11.47 -1.21 -0.22
C SER B 140 -11.05 0.03 0.53
N MET B 141 -11.77 1.12 0.28
CA MET B 141 -11.53 2.39 0.96
C MET B 141 -12.86 2.95 1.45
N ASN B 142 -12.83 3.63 2.58
CA ASN B 142 -14.05 4.17 3.16
C ASN B 142 -13.71 5.45 3.93
N VAL B 143 -14.58 6.45 3.86
CA VAL B 143 -14.38 7.67 4.65
C VAL B 143 -15.60 7.77 5.54
N TYR B 144 -15.39 8.16 6.79
CA TYR B 144 -16.51 8.25 7.69
C TYR B 144 -16.55 9.54 8.49
N ALA B 145 -17.72 9.80 9.07
CA ALA B 145 -17.94 10.92 9.95
C ALA B 145 -18.40 10.11 11.16
N LYS B 146 -18.23 10.63 12.37
CA LYS B 146 -18.67 9.83 13.51
C LYS B 146 -19.36 10.59 14.62
N TYR B 147 -20.24 9.86 15.30
CA TYR B 147 -20.94 10.40 16.45
C TYR B 147 -20.41 9.59 17.62
N GLN B 148 -19.98 10.29 18.67
CA GLN B 148 -19.44 9.64 19.84
C GLN B 148 -20.43 9.62 21.00
N TRP B 149 -20.64 8.44 21.57
CA TRP B 149 -21.51 8.29 22.72
C TRP B 149 -20.60 8.17 23.95
N GLN B 150 -20.58 7.00 24.59
CA GLN B 150 -19.71 6.82 25.75
C GLN B 150 -18.28 6.63 25.26
N ASN B 151 -17.33 7.21 25.99
CA ASN B 151 -15.93 7.08 25.63
C ASN B 151 -15.09 7.16 26.88
N TYR B 152 -15.34 6.25 27.82
CA TYR B 152 -14.58 6.21 29.06
C TYR B 152 -14.61 7.56 29.77
N GLY B 153 -15.73 8.26 29.67
CA GLY B 153 -15.86 9.54 30.31
C GLY B 153 -14.92 10.63 29.80
N ALA B 154 -14.52 10.54 28.53
CA ALA B 154 -13.62 11.52 27.94
C ALA B 154 -14.37 12.77 27.50
N ALA B 155 -13.63 13.85 27.25
CA ALA B 155 -14.20 15.12 26.85
C ALA B 155 -15.03 15.10 25.57
N ASN B 156 -14.79 14.13 24.70
CA ASN B 156 -15.51 14.07 23.44
C ASN B 156 -16.75 13.17 23.46
N GLU B 157 -17.29 12.91 24.65
CA GLU B 157 -18.49 12.07 24.74
C GLU B 157 -19.71 12.83 24.25
N ASN B 158 -20.66 12.08 23.72
CA ASN B 158 -21.91 12.62 23.18
C ASN B 158 -21.76 13.89 22.33
N GLU B 159 -21.42 13.69 21.06
CA GLU B 159 -21.23 14.79 20.11
C GLU B 159 -20.65 14.22 18.81
N TRP B 160 -20.72 15.00 17.74
CA TRP B 160 -20.15 14.58 16.47
C TRP B 160 -18.67 14.92 16.56
N ASP B 161 -17.82 13.90 16.56
CA ASP B 161 -16.39 14.12 16.70
C ASP B 161 -15.49 13.36 15.73
N GLY B 162 -14.62 14.10 15.05
CA GLY B 162 -13.67 13.54 14.11
C GLY B 162 -14.16 12.68 12.96
N TYR B 163 -13.22 12.33 12.08
CA TYR B 163 -13.52 11.51 10.93
C TYR B 163 -12.52 10.37 10.83
N ARG B 164 -12.85 9.38 10.00
CA ARG B 164 -11.99 8.23 9.82
C ARG B 164 -11.92 7.74 8.39
N PHE B 165 -10.71 7.41 7.95
CA PHE B 165 -10.47 6.87 6.62
C PHE B 165 -10.00 5.45 6.84
N LYS B 166 -10.71 4.48 6.29
CA LYS B 166 -10.31 3.09 6.46
C LYS B 166 -9.92 2.46 5.13
N ILE B 167 -8.72 1.90 5.07
CA ILE B 167 -8.29 1.27 3.85
C ILE B 167 -7.91 -0.16 4.18
N LYS B 168 -8.50 -1.11 3.48
CA LYS B 168 -8.16 -2.50 3.72
C LYS B 168 -7.97 -3.25 2.43
N TYR B 169 -7.17 -4.31 2.49
CA TYR B 169 -6.90 -5.10 1.32
C TYR B 169 -6.61 -6.55 1.66
N PHE B 170 -7.00 -7.45 0.77
CA PHE B 170 -6.80 -8.86 0.98
C PHE B 170 -5.93 -9.40 -0.16
N VAL B 171 -4.90 -10.15 0.18
CA VAL B 171 -4.01 -10.66 -0.85
C VAL B 171 -3.66 -12.13 -0.76
N PRO B 172 -4.32 -12.97 -1.57
CA PRO B 172 -4.04 -14.41 -1.55
C PRO B 172 -2.56 -14.60 -1.90
N ILE B 173 -1.85 -15.45 -1.19
CA ILE B 173 -0.44 -15.66 -1.48
C ILE B 173 -0.16 -17.00 -2.15
N THR B 174 -0.23 -18.09 -1.38
CA THR B 174 0.01 -19.43 -1.94
C THR B 174 -0.53 -20.53 -1.02
N ASP B 175 -0.13 -21.76 -1.31
CA ASP B 175 -0.52 -22.90 -0.50
C ASP B 175 0.73 -23.30 0.24
N LEU B 176 0.73 -23.05 1.55
CA LEU B 176 1.87 -23.38 2.39
C LEU B 176 1.48 -24.42 3.43
N TRP B 177 2.26 -25.50 3.52
CA TRP B 177 2.02 -26.59 4.46
C TRP B 177 0.62 -27.23 4.40
N GLY B 178 0.06 -27.38 3.21
CA GLY B 178 -1.26 -27.99 3.08
C GLY B 178 -2.44 -27.04 3.28
N GLY B 179 -2.14 -25.83 3.74
CA GLY B 179 -3.18 -24.85 3.94
C GLY B 179 -2.96 -23.72 2.96
N GLN B 180 -3.75 -22.65 3.10
CA GLN B 180 -3.61 -21.49 2.22
C GLN B 180 -3.14 -20.24 2.96
N LEU B 181 -1.94 -19.79 2.61
CA LEU B 181 -1.38 -18.60 3.23
C LEU B 181 -1.93 -17.36 2.55
N SER B 182 -2.27 -16.34 3.32
CA SER B 182 -2.78 -15.11 2.74
C SER B 182 -2.33 -13.91 3.55
N TYR B 183 -2.54 -12.72 2.99
CA TYR B 183 -2.15 -11.50 3.67
C TYR B 183 -3.31 -10.54 3.75
N ILE B 184 -3.60 -10.08 4.96
CA ILE B 184 -4.68 -9.13 5.13
C ILE B 184 -4.04 -7.91 5.74
N GLY B 185 -4.47 -6.75 5.27
CA GLY B 185 -3.92 -5.52 5.79
C GLY B 185 -4.99 -4.46 5.78
N PHE B 186 -5.05 -3.66 6.85
CA PHE B 186 -6.01 -2.58 6.93
C PHE B 186 -5.48 -1.50 7.86
N THR B 187 -5.86 -0.25 7.59
CA THR B 187 -5.40 0.84 8.41
C THR B 187 -6.49 1.86 8.62
N ASN B 188 -6.64 2.30 9.86
CA ASN B 188 -7.65 3.27 10.26
C ASN B 188 -7.00 4.61 10.58
N PHE B 189 -7.27 5.61 9.76
CA PHE B 189 -6.72 6.94 9.99
C PHE B 189 -7.81 7.81 10.58
N ASP B 190 -7.53 8.40 11.73
CA ASP B 190 -8.50 9.27 12.37
C ASP B 190 -7.89 10.64 12.52
N TRP B 191 -8.72 11.67 12.32
CA TRP B 191 -8.27 13.05 12.41
C TRP B 191 -9.46 13.97 12.65
N GLY B 192 -9.15 15.23 12.96
CA GLY B 192 -10.19 16.20 13.18
C GLY B 192 -11.04 16.05 14.42
N SER B 193 -10.59 15.23 15.37
CA SER B 193 -11.31 15.03 16.62
C SER B 193 -11.06 16.27 17.46
N ASP B 194 -11.87 16.51 18.48
CA ASP B 194 -11.67 17.69 19.31
C ASP B 194 -11.04 17.39 20.66
N LEU B 195 -10.81 16.09 20.95
CA LEU B 195 -10.16 15.68 22.18
C LEU B 195 -8.78 16.33 22.14
N GLY B 196 -7.98 16.10 23.16
CA GLY B 196 -6.65 16.70 23.14
C GLY B 196 -6.76 18.20 23.31
N ASP B 197 -7.53 18.85 22.45
CA ASP B 197 -7.72 20.28 22.58
C ASP B 197 -8.52 20.46 23.86
N ASP B 198 -9.55 19.62 24.02
CA ASP B 198 -10.45 19.66 25.17
C ASP B 198 -10.04 18.86 26.40
N SER B 199 -8.94 18.14 26.32
CA SER B 199 -8.48 17.38 27.47
C SER B 199 -7.42 18.25 28.13
N GLY B 200 -6.87 17.79 29.25
CA GLY B 200 -5.88 18.61 29.93
C GLY B 200 -4.46 18.41 29.46
N ASN B 201 -3.51 18.85 30.28
CA ASN B 201 -2.11 18.68 29.95
C ASN B 201 -1.52 17.66 30.88
N ALA B 202 -0.39 17.08 30.50
CA ALA B 202 0.24 16.08 31.34
C ALA B 202 1.30 16.75 32.19
N ILE B 203 1.89 15.97 33.09
CA ILE B 203 2.94 16.45 33.96
C ILE B 203 4.02 16.95 33.02
N ASN B 204 4.10 16.24 31.89
CA ASN B 204 5.04 16.47 30.79
C ASN B 204 5.04 17.89 30.25
N GLY B 205 3.88 18.53 30.28
CA GLY B 205 3.78 19.86 29.74
C GLY B 205 3.08 19.78 28.40
N ILE B 206 3.01 18.57 27.85
CA ILE B 206 2.35 18.36 26.56
C ILE B 206 0.91 17.93 26.80
N LYS B 207 0.03 18.12 25.82
CA LYS B 207 -1.36 17.74 26.00
C LYS B 207 -1.44 16.24 26.20
N THR B 208 -2.47 15.80 26.91
CA THR B 208 -2.62 14.38 27.20
C THR B 208 -3.24 13.60 26.07
N ARG B 209 -4.23 14.18 25.41
CA ARG B 209 -4.89 13.50 24.32
C ARG B 209 -4.55 14.03 22.94
N THR B 210 -5.05 13.33 21.93
CA THR B 210 -4.76 13.67 20.55
C THR B 210 -5.98 13.80 19.65
N ASN B 211 -5.91 14.80 18.76
CA ASN B 211 -6.96 15.07 17.80
C ASN B 211 -7.05 14.02 16.69
N ASN B 212 -5.96 13.28 16.51
CA ASN B 212 -5.86 12.29 15.45
C ASN B 212 -5.29 10.98 15.98
N SER B 213 -5.22 9.98 15.11
CA SER B 213 -4.69 8.69 15.51
C SER B 213 -4.66 7.69 14.35
N ILE B 214 -3.66 6.82 14.37
CA ILE B 214 -3.52 5.82 13.33
C ILE B 214 -3.30 4.45 13.94
N ALA B 215 -3.92 3.46 13.33
CA ALA B 215 -3.78 2.08 13.76
C ALA B 215 -3.73 1.23 12.50
N SER B 216 -2.53 0.77 12.16
CA SER B 216 -2.35 -0.02 10.96
C SER B 216 -2.07 -1.47 11.30
N SER B 217 -2.81 -2.37 10.67
CA SER B 217 -2.64 -3.79 10.92
C SER B 217 -2.10 -4.54 9.71
N HIS B 218 -1.33 -5.58 9.98
CA HIS B 218 -0.73 -6.42 8.95
C HIS B 218 -0.87 -7.86 9.42
N ILE B 219 -1.66 -8.63 8.69
CA ILE B 219 -1.92 -10.00 9.07
C ILE B 219 -1.45 -11.02 8.06
N LEU B 220 -0.81 -12.06 8.57
CA LEU B 220 -0.33 -13.16 7.77
C LEU B 220 -1.18 -14.33 8.28
N ALA B 221 -2.06 -14.85 7.43
CA ALA B 221 -2.95 -15.92 7.84
C ALA B 221 -2.82 -17.25 7.09
N LEU B 222 -2.86 -18.35 7.84
CA LEU B 222 -2.78 -19.70 7.32
C LEU B 222 -4.14 -20.36 7.51
N ASN B 223 -4.80 -20.76 6.44
CA ASN B 223 -6.13 -21.37 6.53
C ASN B 223 -6.30 -22.79 6.00
N TYR B 224 -6.88 -23.63 6.84
CA TYR B 224 -7.18 -25.01 6.47
C TYR B 224 -8.70 -25.08 6.42
N ASP B 225 -9.25 -26.25 6.11
CA ASP B 225 -10.71 -26.40 6.02
C ASP B 225 -11.45 -25.74 7.19
N HIS B 226 -10.94 -25.89 8.41
CA HIS B 226 -11.58 -25.31 9.58
C HIS B 226 -10.65 -24.50 10.48
N TRP B 227 -9.48 -25.04 10.79
CA TRP B 227 -8.53 -24.34 11.64
C TRP B 227 -7.66 -23.34 10.89
N HIS B 228 -7.32 -22.26 11.57
CA HIS B 228 -6.48 -21.23 11.00
C HIS B 228 -5.62 -20.61 12.09
N TYR B 229 -4.47 -20.09 11.67
CA TYR B 229 -3.51 -19.47 12.58
C TYR B 229 -3.09 -18.17 11.92
N SER B 230 -3.14 -17.08 12.67
CA SER B 230 -2.77 -15.78 12.12
C SER B 230 -1.75 -15.01 12.95
N VAL B 231 -0.74 -14.44 12.30
CA VAL B 231 0.23 -13.64 13.01
C VAL B 231 -0.16 -12.21 12.65
N VAL B 232 -0.26 -11.34 13.65
CA VAL B 232 -0.66 -9.96 13.41
C VAL B 232 0.28 -8.91 13.97
N ALA B 233 0.80 -8.07 13.09
CA ALA B 233 1.69 -6.99 13.48
C ALA B 233 0.81 -5.74 13.45
N ARG B 234 0.86 -4.94 14.51
CA ARG B 234 0.05 -3.75 14.54
C ARG B 234 0.86 -2.57 15.02
N TYR B 235 0.68 -1.43 14.35
CA TYR B 235 1.39 -0.20 14.65
C TYR B 235 0.40 0.92 15.00
N TRP B 236 0.72 1.69 16.01
CA TRP B 236 -0.15 2.78 16.42
C TRP B 236 0.65 4.08 16.41
N HIS B 237 -0.02 5.18 16.09
CA HIS B 237 0.59 6.51 16.16
C HIS B 237 -0.39 7.25 17.05
N ASP B 238 -0.04 7.41 18.32
CA ASP B 238 -0.95 8.05 19.28
C ASP B 238 -2.16 7.13 19.43
N GLY B 239 -1.91 5.87 19.79
CA GLY B 239 -2.99 4.92 19.96
C GLY B 239 -4.11 5.45 20.83
N GLY B 240 -5.34 5.02 20.53
CA GLY B 240 -6.49 5.47 21.28
C GLY B 240 -6.51 6.96 21.52
N GLN B 241 -5.85 7.72 20.65
CA GLN B 241 -5.78 9.17 20.75
C GLN B 241 -5.05 9.61 22.02
N TRP B 242 -4.15 8.77 22.50
CA TRP B 242 -3.37 9.12 23.67
C TRP B 242 -2.08 9.72 23.14
N ASN B 243 -1.86 11.00 23.41
CA ASN B 243 -0.66 11.64 22.91
C ASN B 243 0.61 10.95 23.42
N ASP B 244 1.38 10.40 22.48
CA ASP B 244 2.62 9.67 22.81
C ASP B 244 3.61 10.46 23.67
N ASP B 245 4.02 9.83 24.76
CA ASP B 245 4.98 10.36 25.73
C ASP B 245 4.34 11.20 26.82
N ALA B 246 3.04 11.46 26.73
CA ALA B 246 2.39 12.23 27.77
C ALA B 246 2.79 11.61 29.10
N GLU B 247 3.23 12.44 30.05
CA GLU B 247 3.62 11.94 31.35
C GLU B 247 2.45 12.03 32.30
N LEU B 248 2.01 10.88 32.80
CA LEU B 248 0.88 10.81 33.71
C LEU B 248 1.24 10.14 35.04
N ASN B 249 0.31 10.12 35.97
CA ASN B 249 0.53 9.45 37.25
C ASN B 249 -0.79 9.00 37.85
N PHE B 250 -1.08 7.72 37.68
CA PHE B 250 -2.33 7.14 38.16
C PHE B 250 -2.30 6.71 39.63
N GLY B 251 -1.24 7.07 40.34
CA GLY B 251 -1.19 6.72 41.74
C GLY B 251 -0.17 5.67 42.07
N ASN B 252 0.70 5.37 41.12
CA ASN B 252 1.74 4.37 41.34
C ASN B 252 3.06 4.97 40.89
N GLY B 253 3.07 6.30 40.75
CA GLY B 253 4.26 6.99 40.33
C GLY B 253 4.10 7.49 38.91
N ASN B 254 5.04 8.32 38.48
CA ASN B 254 4.99 8.86 37.14
C ASN B 254 5.38 7.80 36.13
N PHE B 255 4.80 7.92 34.94
CA PHE B 255 5.07 7.00 33.84
C PHE B 255 4.81 7.80 32.55
N ASN B 256 5.33 7.30 31.44
CA ASN B 256 5.13 8.00 30.17
C ASN B 256 4.31 7.12 29.24
N VAL B 257 3.32 7.72 28.59
CA VAL B 257 2.48 6.97 27.66
C VAL B 257 3.26 6.55 26.43
N ARG B 258 3.18 5.28 26.09
CA ARG B 258 3.89 4.78 24.92
C ARG B 258 2.84 4.40 23.89
N SER B 259 2.15 5.42 23.36
CA SER B 259 1.08 5.18 22.39
C SER B 259 1.51 5.03 20.94
N THR B 260 2.78 5.27 20.63
CA THR B 260 3.24 5.11 19.25
C THR B 260 4.28 4.01 19.20
N GLY B 261 4.01 2.98 18.41
CA GLY B 261 4.93 1.86 18.32
C GLY B 261 4.21 0.60 17.87
N TRP B 262 4.93 -0.51 17.89
CA TRP B 262 4.34 -1.78 17.48
C TRP B 262 3.90 -2.67 18.62
N GLY B 263 3.09 -3.64 18.24
CA GLY B 263 2.55 -4.62 19.17
C GLY B 263 2.06 -5.70 18.22
N GLY B 264 1.67 -6.84 18.75
CA GLY B 264 1.20 -7.88 17.87
C GLY B 264 0.18 -8.81 18.48
N TYR B 265 -0.30 -9.74 17.67
CA TYR B 265 -1.27 -10.71 18.13
C TYR B 265 -0.98 -12.08 17.56
N LEU B 266 -1.39 -13.12 18.29
CA LEU B 266 -1.26 -14.50 17.83
C LEU B 266 -2.70 -15.02 17.86
N VAL B 267 -3.18 -15.51 16.71
CA VAL B 267 -4.56 -15.96 16.63
C VAL B 267 -4.76 -17.41 16.18
N VAL B 268 -5.50 -18.16 16.99
CA VAL B 268 -5.84 -19.53 16.68
C VAL B 268 -7.34 -19.65 16.83
N GLY B 269 -8.01 -20.03 15.74
CA GLY B 269 -9.45 -20.16 15.76
C GLY B 269 -9.95 -21.32 14.94
N TYR B 270 -11.28 -21.44 14.86
CA TYR B 270 -11.89 -22.52 14.11
C TYR B 270 -13.08 -21.99 13.31
N ASN B 271 -13.05 -22.20 11.99
CA ASN B 271 -14.14 -21.76 11.14
C ASN B 271 -15.16 -22.89 11.08
N PHE B 272 -16.39 -22.60 11.51
CA PHE B 272 -17.46 -23.59 11.52
C PHE B 272 -18.12 -23.77 10.15
O5' THM C . 16.57 -2.63 -17.57
C5' THM C . 16.53 -2.86 -18.98
C4' THM C . 15.46 -3.90 -19.30
O4' THM C . 14.18 -3.46 -18.80
C3' THM C . 15.24 -4.18 -20.79
O3' THM C . 14.88 -5.56 -20.94
C2' THM C . 14.05 -3.31 -21.13
C1' THM C . 13.24 -3.46 -19.86
N1 THM C . 12.25 -2.40 -19.58
C2 THM C . 11.31 -2.03 -20.55
O2 THM C . 11.25 -2.53 -21.68
N3 THM C . 10.43 -1.05 -20.14
C4 THM C . 10.38 -0.47 -18.89
O4 THM C . 9.49 0.35 -18.64
C5 THM C . 11.37 -0.91 -17.94
C5M THM C . 11.35 -0.36 -16.56
C6 THM C . 12.26 -1.82 -18.33
O5' THM D . 16.10 -1.80 -8.05
C5' THM D . 15.58 -2.67 -9.04
C4' THM D . 15.38 -1.91 -10.32
O4' THM D . 14.31 -0.95 -10.16
C3' THM D . 16.60 -1.13 -10.77
O3' THM D . 16.73 -1.26 -12.19
C2' THM D . 16.27 0.30 -10.39
C1' THM D . 14.75 0.35 -10.51
N1 THM D . 14.10 1.31 -9.59
C2 THM D . 13.08 2.10 -10.10
O2 THM D . 12.65 1.96 -11.23
N3 THM D . 12.58 3.04 -9.22
C4 THM D . 12.99 3.27 -7.91
O4 THM D . 12.53 4.21 -7.25
C5 THM D . 14.01 2.36 -7.43
C5M THM D . 14.47 2.47 -6.01
C6 THM D . 14.51 1.43 -8.28
O5' THM E . -10.94 -5.53 21.60
C5' THM E . -9.56 -5.90 21.71
C4' THM E . -8.82 -4.78 22.39
O4' THM E . -8.70 -3.66 21.48
C3' THM E . -9.56 -4.25 23.63
O3' THM E . -8.63 -3.98 24.70
C2' THM E . -10.20 -2.95 23.13
C1' THM E . -9.15 -2.48 22.14
N1 THM E . -9.66 -1.54 21.12
C2 THM E . -10.02 -0.29 21.59
O2 THM E . -9.91 0.02 22.78
N3 THM E . -10.51 0.58 20.64
C4 THM E . -10.67 0.33 19.29
O4 THM E . -11.12 1.22 18.55
C5 THM E . -10.27 -1.02 18.85
C5M THM E . -10.40 -1.39 17.41
C6 THM E . -9.80 -1.88 19.79
O5' THM F . -8.58 -10.59 13.62
C5' THM F . -7.44 -10.12 14.37
C4' THM F . -7.74 -8.75 14.90
O4' THM F . -7.97 -7.86 13.77
C3' THM F . -9.05 -8.74 15.70
O3' THM F . -8.98 -7.70 16.70
C2' THM F . -10.09 -8.37 14.64
C1' THM F . -9.31 -7.39 13.76
N1 THM F . -9.76 -7.28 12.34
C2 THM F . -10.33 -6.06 11.91
O2 THM F . -10.45 -5.07 12.63
N3 THM F . -10.74 -6.04 10.58
C4 THM F . -10.62 -7.09 9.65
O4 THM F . -11.04 -6.94 8.49
C5 THM F . -9.98 -8.32 10.17
C5M THM F . -9.76 -9.46 9.21
C6 THM F . -9.61 -8.35 11.47
#